data_8C5B
#
_entry.id   8C5B
#
_cell.length_a   83.442
_cell.length_b   83.442
_cell.length_c   307.155
_cell.angle_alpha   90.000
_cell.angle_beta   90.000
_cell.angle_gamma   90.000
#
_symmetry.space_group_name_H-M   'P 41 21 2'
#
_entity_poly.entity_id   1
_entity_poly.type   'polypeptide(L)'
_entity_poly.pdbx_seq_one_letter_code
;GSSHHHHHHSSGENLYFQSGSHYKQLIKNDENITVNESVPRGRILDRNGKVLVDNASKMSITYTRNRKTSQKEMLNTAKK
LTDLIKMDTDKITERDKKDFWIQMYPSSAKKLMRKEQLMLEDGSISQDQFDTQLRDKIGKKQLKQLTKKDLQVLAIYREM
NAGSTLDPQTIKNEDVSEKEYAAVSQQLSKLPGVNTTMDWDRKYPYGDTLRGIFGDVSTSTEGIPKELTEQYLSKGYSRN
DRVGKSYLEYQYEDVLKGTKKQMKYTTDKSGRVISSEVLNPGSRGHDLQLTIDIDLQKKVESLLEKQISKLRSQGAKDMD
NALMVVQNPKNGDILAIAGKQIDKQGKLKDYDIGNFTAQYTVGSSVKGGTLLAGYQNKAINVGETMVDEPLKFQGGLTKR
SYFNKNGHVSIDDKQALMHSSNVYMFKTALKLAGDPYTSGMSLPNNIADAGRKLRKGLNQVGLGLKTGIDLPNETPGQIE
PLTNNPGNYLDLAIGQYDTYTPLQLSQYVSTIANDGYRIQPHIGLSIYESTNKDETGPLKRKIKGNVLNKVNNSNDEIKE
VQEGFKMAFNEKQGTGYASFRNTVVPSAGKTGTAEVFQDGEPRVNSTYIGYAPVDDPKLSFSIVYTNQPVPPPWLNGGDL
GRDVINYYFKDKDNKKDDSQSNNEEKED
;
_entity_poly.pdbx_strand_id   A
#
# COMPACT_ATOMS: atom_id res chain seq x y z
N GLY A 20 2.21 17.23 21.85
CA GLY A 20 2.78 17.10 20.52
C GLY A 20 2.41 18.24 19.59
N SER A 21 1.99 19.35 20.20
CA SER A 21 1.42 20.50 19.50
C SER A 21 2.55 21.46 19.10
N HIS A 22 3.07 21.29 17.88
CA HIS A 22 3.93 22.31 17.28
C HIS A 22 3.07 23.44 16.71
N TYR A 23 3.63 24.64 16.71
CA TYR A 23 2.92 25.83 16.21
C TYR A 23 2.69 25.74 14.71
N LYS A 24 3.56 26.46 13.97
CA LYS A 24 3.83 26.38 12.54
C LYS A 24 3.38 27.65 11.81
N GLN A 25 2.59 28.51 12.47
CA GLN A 25 2.21 29.80 11.90
C GLN A 25 2.24 30.89 12.97
N LEU A 26 2.70 32.11 12.58
CA LEU A 26 2.57 33.33 13.38
C LEU A 26 2.40 34.52 12.43
N ILE A 27 1.15 34.91 12.19
CA ILE A 27 0.77 35.85 11.14
C ILE A 27 0.55 37.23 11.76
N LYS A 28 1.30 38.23 11.28
CA LYS A 28 1.21 39.59 11.80
C LYS A 28 0.22 40.42 10.99
N ASN A 29 -0.15 41.59 11.54
CA ASN A 29 -1.06 42.54 10.89
C ASN A 29 -1.05 43.89 11.60
N ASP A 30 -2.04 44.13 12.46
CA ASP A 30 -2.25 45.40 13.15
C ASP A 30 -1.55 45.43 14.51
N GLU A 31 -0.22 45.26 14.49
CA GLU A 31 0.51 44.80 15.68
C GLU A 31 -0.24 43.62 16.29
N ASN A 32 -0.52 42.63 15.44
CA ASN A 32 -1.64 41.70 15.64
C ASN A 32 -1.21 40.31 15.15
N ILE A 33 -0.66 39.51 16.07
CA ILE A 33 -0.15 38.18 15.77
C ILE A 33 -1.30 37.18 15.81
N THR A 34 -1.30 36.22 14.88
CA THR A 34 -2.18 35.06 14.93
C THR A 34 -1.32 33.81 14.87
N VAL A 35 -1.27 33.05 15.96
CA VAL A 35 -0.52 31.79 16.04
C VAL A 35 -1.47 30.62 15.87
N ASN A 36 -0.99 29.57 15.23
CA ASN A 36 -1.77 28.37 14.96
C ASN A 36 -1.09 27.15 15.59
N GLU A 37 -1.89 26.27 16.17
CA GLU A 37 -1.40 25.10 16.91
C GLU A 37 -1.97 23.82 16.29
N SER A 38 -1.09 22.84 16.03
CA SER A 38 -1.47 21.62 15.34
C SER A 38 -2.25 20.70 16.27
N VAL A 39 -3.03 19.80 15.66
CA VAL A 39 -3.96 18.92 16.35
C VAL A 39 -3.65 17.48 15.92
N PRO A 40 -4.05 16.49 16.72
CA PRO A 40 -3.68 15.11 16.37
C PRO A 40 -4.52 14.53 15.25
N ARG A 41 -3.91 13.58 14.54
CA ARG A 41 -4.49 13.04 13.32
C ARG A 41 -5.59 12.04 13.64
N GLY A 42 -6.54 11.90 12.72
CA GLY A 42 -7.59 10.91 12.90
C GLY A 42 -7.03 9.50 12.85
N ARG A 43 -7.69 8.58 13.54
CA ARG A 43 -7.32 7.18 13.45
C ARG A 43 -7.92 6.55 12.19
N ILE A 44 -7.46 5.33 11.89
CA ILE A 44 -8.00 4.52 10.83
C ILE A 44 -8.36 3.16 11.43
N LEU A 45 -9.65 2.80 11.37
CA LEU A 45 -10.14 1.58 11.99
C LEU A 45 -10.66 0.63 10.92
N ASP A 46 -10.76 -0.66 11.30
CA ASP A 46 -11.33 -1.63 10.38
C ASP A 46 -12.85 -1.62 10.57
N ARG A 47 -13.57 -2.44 9.79
CA ARG A 47 -15.03 -2.38 9.80
C ARG A 47 -15.65 -2.84 11.11
N ASN A 48 -14.88 -3.48 11.99
CA ASN A 48 -15.36 -3.88 13.30
C ASN A 48 -14.88 -2.95 14.40
N GLY A 49 -14.18 -1.88 14.05
CA GLY A 49 -13.66 -0.94 15.02
C GLY A 49 -12.22 -1.14 15.43
N LYS A 50 -11.58 -2.24 15.05
CA LYS A 50 -10.21 -2.48 15.48
C LYS A 50 -9.26 -1.42 14.92
N VAL A 51 -8.46 -0.82 15.79
CA VAL A 51 -7.58 0.25 15.35
C VAL A 51 -6.49 -0.32 14.44
N LEU A 52 -6.38 0.23 13.24
CA LEU A 52 -5.35 -0.15 12.27
C LEU A 52 -4.22 0.86 12.23
N VAL A 53 -4.56 2.14 12.32
CA VAL A 53 -3.60 3.24 12.34
C VAL A 53 -3.97 4.15 13.51
N ASP A 54 -3.02 4.37 14.40
CA ASP A 54 -3.14 5.15 15.62
C ASP A 54 -2.04 6.22 15.64
N ASN A 55 -2.07 7.05 16.68
CA ASN A 55 -0.97 7.96 16.96
C ASN A 55 -0.26 7.50 18.24
N ALA A 56 1.06 7.61 18.24
CA ALA A 56 1.84 7.37 19.44
C ALA A 56 2.74 8.57 19.66
N SER A 57 2.97 8.87 20.93
CA SER A 57 3.78 10.02 21.32
C SER A 57 5.26 9.64 21.32
N LYS A 58 6.09 10.54 20.79
CA LYS A 58 7.53 10.38 20.77
C LYS A 58 8.17 11.64 21.36
N MET A 59 9.02 11.46 22.35
CA MET A 59 9.74 12.56 22.96
C MET A 59 11.21 12.55 22.57
N SER A 60 11.81 13.72 22.60
CA SER A 60 13.23 13.87 22.32
C SER A 60 13.84 14.88 23.28
N ILE A 61 15.08 14.65 23.66
CA ILE A 61 15.89 15.58 24.45
C ILE A 61 16.89 16.21 23.49
N THR A 62 16.86 17.54 23.38
CA THR A 62 17.74 18.25 22.44
C THR A 62 18.58 19.30 23.16
N TYR A 63 19.78 19.53 22.64
CA TYR A 63 20.69 20.55 23.12
C TYR A 63 20.93 21.57 22.00
N THR A 64 21.33 22.79 22.37
CA THR A 64 21.73 23.81 21.41
C THR A 64 23.05 24.42 21.85
N ARG A 65 24.03 24.41 20.95
CA ARG A 65 25.40 24.84 21.24
C ARG A 65 25.58 26.28 20.82
N ASN A 66 26.13 27.09 21.73
CA ASN A 66 26.18 28.53 21.55
C ASN A 66 27.45 28.94 20.81
N ARG A 67 27.66 30.25 20.70
CA ARG A 67 28.89 30.77 20.10
C ARG A 67 30.10 30.35 20.91
N LYS A 68 30.14 30.69 22.20
CA LYS A 68 31.26 30.36 23.07
C LYS A 68 30.75 29.72 24.36
N THR A 69 30.17 28.52 24.22
CA THR A 69 29.94 27.63 25.36
C THR A 69 31.16 26.75 25.53
N SER A 70 31.70 26.67 26.76
CA SER A 70 32.99 26.02 26.95
C SER A 70 32.87 24.50 26.89
N GLN A 71 34.02 23.84 26.76
CA GLN A 71 34.07 22.38 26.85
C GLN A 71 33.85 21.90 28.28
N LYS A 72 34.16 22.73 29.27
CA LYS A 72 33.98 22.39 30.67
C LYS A 72 32.57 22.68 31.13
N GLU A 73 31.86 23.58 30.44
CA GLU A 73 30.45 23.83 30.73
C GLU A 73 29.58 22.68 30.27
N MET A 74 29.67 22.31 28.99
CA MET A 74 28.88 21.19 28.50
C MET A 74 29.17 19.92 29.30
N LEU A 75 30.39 19.77 29.81
CA LEU A 75 30.69 18.63 30.68
C LEU A 75 29.97 18.72 32.03
N ASN A 76 29.55 19.93 32.44
CA ASN A 76 28.76 20.04 33.66
C ASN A 76 27.28 19.84 33.40
N THR A 77 26.76 20.37 32.28
CA THR A 77 25.36 20.13 31.91
C THR A 77 25.10 18.65 31.67
N ALA A 78 26.07 17.94 31.09
CA ALA A 78 25.90 16.51 30.84
C ALA A 78 25.85 15.74 32.14
N LYS A 79 26.70 16.09 33.10
CA LYS A 79 26.73 15.39 34.38
C LYS A 79 25.39 15.55 35.11
N LYS A 80 24.77 16.73 35.00
CA LYS A 80 23.44 16.95 35.58
C LYS A 80 22.39 16.08 34.88
N LEU A 81 22.59 15.75 33.59
CA LEU A 81 21.60 15.03 32.81
C LEU A 81 21.58 13.53 33.11
N THR A 82 22.74 12.93 33.38
CA THR A 82 22.85 11.50 33.69
C THR A 82 22.12 11.13 34.97
N ASP A 83 21.61 12.10 35.71
CA ASP A 83 20.74 11.83 36.84
C ASP A 83 19.25 11.85 36.46
N LEU A 84 18.92 12.26 35.24
CA LEU A 84 17.55 12.37 34.78
C LEU A 84 17.21 11.37 33.68
N ILE A 85 18.20 10.87 32.94
CA ILE A 85 17.98 9.99 31.81
C ILE A 85 19.04 8.90 31.79
N LYS A 86 18.69 7.76 31.20
CA LYS A 86 19.65 6.72 30.88
C LYS A 86 19.97 6.77 29.40
N MET A 87 21.22 6.41 29.09
CA MET A 87 21.81 6.66 27.78
C MET A 87 22.41 5.39 27.19
N ASP A 88 22.04 5.11 25.95
CA ASP A 88 22.72 4.08 25.19
C ASP A 88 24.16 4.54 24.95
N THR A 89 25.13 3.69 25.30
CA THR A 89 26.55 4.02 25.09
C THR A 89 27.11 3.39 23.83
N ASP A 90 26.35 3.37 22.73
CA ASP A 90 26.91 3.11 21.42
C ASP A 90 27.59 4.39 20.94
N LYS A 91 27.71 4.56 19.62
CA LYS A 91 28.09 5.83 19.00
C LYS A 91 29.38 6.45 19.58
N ILE A 92 29.75 6.12 20.82
CA ILE A 92 30.97 6.61 21.44
C ILE A 92 32.19 5.98 20.76
N THR A 93 32.86 6.77 19.94
CA THR A 93 34.11 6.33 19.32
C THR A 93 35.23 6.27 20.36
N GLU A 94 36.29 5.54 20.01
CA GLU A 94 37.42 5.42 20.91
C GLU A 94 38.18 6.75 21.04
N ARG A 95 38.13 7.59 20.00
CA ARG A 95 38.62 8.96 20.15
C ARG A 95 37.78 9.74 21.16
N ASP A 96 36.48 9.43 21.27
CA ASP A 96 35.64 10.06 22.30
C ASP A 96 36.09 9.65 23.69
N LYS A 97 36.24 8.33 23.92
CA LYS A 97 36.70 7.83 25.21
C LYS A 97 38.08 8.36 25.55
N LYS A 98 38.99 8.35 24.58
CA LYS A 98 40.36 8.82 24.82
C LYS A 98 40.35 10.29 25.21
N ASP A 99 39.76 11.13 24.36
CA ASP A 99 39.60 12.55 24.66
C ASP A 99 38.99 12.73 26.05
N PHE A 100 37.85 12.09 26.28
CA PHE A 100 37.13 12.21 27.54
C PHE A 100 38.00 11.84 28.74
N TRP A 101 38.82 10.80 28.60
CA TRP A 101 39.66 10.37 29.71
C TRP A 101 40.63 11.46 30.17
N ILE A 102 40.97 12.42 29.30
CA ILE A 102 42.00 13.39 29.67
C ILE A 102 41.48 14.33 30.77
N GLN A 103 40.24 14.83 30.66
CA GLN A 103 39.69 15.61 31.77
C GLN A 103 39.38 14.73 32.96
N MET A 104 38.91 13.51 32.72
CA MET A 104 38.52 12.64 33.83
C MET A 104 39.72 12.02 34.53
N TYR A 105 40.83 12.75 34.56
CA TYR A 105 41.96 12.64 35.47
C TYR A 105 43.12 13.47 34.92
N PRO A 106 43.17 14.78 35.23
CA PRO A 106 44.28 15.59 34.72
C PRO A 106 45.64 15.14 35.21
N SER A 107 45.76 14.72 36.47
CA SER A 107 47.07 14.34 36.98
C SER A 107 47.47 12.91 36.59
N SER A 108 46.56 12.09 36.06
CA SER A 108 46.98 10.92 35.30
C SER A 108 47.66 11.34 34.01
N ALA A 109 46.93 12.07 33.15
CA ALA A 109 47.48 12.55 31.90
C ALA A 109 48.73 13.40 32.10
N LYS A 110 48.84 14.11 33.24
CA LYS A 110 50.09 14.83 33.51
C LYS A 110 51.23 13.89 33.83
N LYS A 111 50.93 12.73 34.42
CA LYS A 111 52.00 11.76 34.63
C LYS A 111 52.37 11.05 33.33
N LEU A 112 51.45 10.99 32.36
CA LEU A 112 51.73 10.36 31.07
C LEU A 112 52.71 11.16 30.23
N MET A 113 52.62 12.50 30.29
CA MET A 113 53.37 13.34 29.38
C MET A 113 54.39 14.14 30.17
N ARG A 114 55.18 13.45 31.00
CA ARG A 114 56.19 14.14 31.81
C ARG A 114 57.20 14.85 30.91
N LYS A 115 57.96 14.09 30.12
CA LYS A 115 58.97 14.70 29.25
C LYS A 115 58.32 15.63 28.24
N GLU A 116 57.27 15.15 27.55
CA GLU A 116 56.70 15.88 26.43
C GLU A 116 56.22 17.27 26.85
N GLN A 117 55.84 17.43 28.12
CA GLN A 117 55.39 18.72 28.60
C GLN A 117 56.51 19.76 28.59
N LEU A 118 57.73 19.34 28.95
CA LEU A 118 58.85 20.28 28.91
C LEU A 118 59.18 20.67 27.48
N MET A 119 59.18 19.70 26.55
CA MET A 119 59.42 20.02 25.14
C MET A 119 58.40 21.02 24.63
N LEU A 120 57.13 20.84 24.99
CA LEU A 120 56.09 21.81 24.64
C LEU A 120 56.37 23.17 25.25
N GLU A 121 56.81 23.20 26.52
CA GLU A 121 57.15 24.47 27.16
C GLU A 121 58.40 25.08 26.54
N ASP A 122 59.42 24.27 26.26
CA ASP A 122 60.56 24.81 25.54
C ASP A 122 60.18 25.28 24.14
N GLY A 123 59.05 24.80 23.60
CA GLY A 123 58.68 25.14 22.24
C GLY A 123 59.39 24.31 21.20
N SER A 124 59.75 23.06 21.53
CA SER A 124 60.39 22.16 20.61
C SER A 124 59.38 21.18 20.03
N ILE A 125 58.18 21.11 20.60
CA ILE A 125 57.07 20.48 19.91
C ILE A 125 55.87 21.41 20.02
N SER A 126 54.95 21.29 19.07
CA SER A 126 53.75 22.10 19.09
C SER A 126 52.66 21.40 19.89
N GLN A 127 51.55 22.11 20.09
CA GLN A 127 50.41 21.52 20.78
C GLN A 127 49.83 20.36 19.99
N ASP A 128 49.81 20.47 18.66
CA ASP A 128 49.41 19.37 17.79
C ASP A 128 50.17 18.11 18.13
N GLN A 129 51.47 18.14 17.86
CA GLN A 129 52.35 17.02 18.16
C GLN A 129 52.10 16.50 19.57
N PHE A 130 52.03 17.41 20.55
CA PHE A 130 51.78 16.99 21.92
C PHE A 130 50.47 16.23 22.01
N ASP A 131 49.40 16.79 21.44
CA ASP A 131 48.09 16.18 21.49
C ASP A 131 48.12 14.77 20.89
N THR A 132 48.60 14.65 19.64
CA THR A 132 48.69 13.34 19.00
C THR A 132 49.46 12.36 19.86
N GLN A 133 50.54 12.84 20.49
CA GLN A 133 51.41 11.95 21.25
C GLN A 133 50.72 11.48 22.53
N LEU A 134 49.87 12.30 23.12
CA LEU A 134 49.13 11.88 24.31
C LEU A 134 48.00 10.93 23.95
N ARG A 135 47.22 11.27 22.92
CA ARG A 135 46.17 10.39 22.47
C ARG A 135 46.72 9.11 21.84
N ASP A 136 48.03 9.05 21.58
CA ASP A 136 48.72 7.81 21.25
C ASP A 136 49.21 7.06 22.48
N LYS A 137 49.01 7.60 23.68
CA LYS A 137 49.73 7.13 24.84
C LYS A 137 48.89 6.36 25.84
N ILE A 138 47.60 6.15 25.59
CA ILE A 138 46.91 5.14 26.37
C ILE A 138 45.73 4.57 25.60
N GLY A 139 45.50 3.29 25.83
CA GLY A 139 44.36 2.50 25.39
C GLY A 139 44.40 1.17 26.12
N LYS A 140 45.50 0.92 26.83
CA LYS A 140 45.74 -0.36 27.50
C LYS A 140 45.00 -0.43 28.84
N LYS A 141 45.71 -0.87 29.89
CA LYS A 141 45.10 -1.07 31.20
C LYS A 141 44.42 0.20 31.71
N GLN A 142 45.00 1.37 31.39
CA GLN A 142 44.56 2.63 31.97
C GLN A 142 43.79 3.50 30.98
N LEU A 143 43.04 2.85 30.08
CA LEU A 143 41.84 3.46 29.52
C LEU A 143 40.59 2.94 30.19
N LYS A 144 40.64 1.69 30.68
CA LYS A 144 39.52 1.08 31.39
C LYS A 144 39.23 1.78 32.72
N GLN A 145 39.84 2.96 32.93
CA GLN A 145 39.57 3.78 34.12
C GLN A 145 38.20 4.43 34.09
N LEU A 146 37.40 4.20 33.06
CA LEU A 146 36.15 4.92 32.84
C LEU A 146 34.98 4.12 33.43
N THR A 147 34.39 4.63 34.50
CA THR A 147 33.28 3.96 35.17
C THR A 147 31.99 4.03 34.34
N LYS A 148 31.04 3.18 34.72
CA LYS A 148 29.74 3.14 34.03
C LYS A 148 29.10 4.51 33.93
N LYS A 149 29.25 5.36 34.95
CA LYS A 149 28.64 6.68 34.89
C LYS A 149 29.41 7.60 33.96
N ASP A 150 30.74 7.46 33.92
CA ASP A 150 31.54 8.27 33.01
C ASP A 150 31.10 8.08 31.56
N LEU A 151 30.84 6.83 31.16
CA LEU A 151 30.34 6.61 29.81
C LEU A 151 28.97 7.25 29.61
N GLN A 152 28.19 7.37 30.69
CA GLN A 152 26.87 8.01 30.60
C GLN A 152 27.01 9.48 30.24
N VAL A 153 27.89 10.20 30.95
CA VAL A 153 28.09 11.62 30.67
C VAL A 153 28.80 11.81 29.33
N LEU A 154 29.61 10.83 28.91
CA LEU A 154 30.26 10.95 27.60
C LEU A 154 29.26 10.75 26.46
N ALA A 155 28.28 9.88 26.64
CA ALA A 155 27.30 9.65 25.58
C ALA A 155 26.45 10.88 25.32
N ILE A 156 26.26 11.71 26.35
CA ILE A 156 25.60 13.00 26.20
C ILE A 156 26.58 14.04 25.68
N TYR A 157 27.83 14.00 26.17
CA TYR A 157 28.85 14.93 25.68
C TYR A 157 29.07 14.78 24.18
N ARG A 158 29.21 13.54 23.71
CA ARG A 158 29.48 13.31 22.29
C ARG A 158 28.38 13.91 21.40
N GLU A 159 27.13 13.82 21.84
CA GLU A 159 26.05 14.42 21.06
C GLU A 159 26.04 15.93 21.16
N MET A 160 26.58 16.49 22.25
CA MET A 160 26.55 17.94 22.41
C MET A 160 27.54 18.65 21.49
N ASN A 161 28.54 17.93 20.95
CA ASN A 161 29.42 18.45 19.90
C ASN A 161 29.17 17.65 18.63
N ALA A 162 28.07 17.97 17.93
CA ALA A 162 27.80 17.39 16.63
C ALA A 162 28.09 18.33 15.47
N GLY A 163 27.89 19.64 15.67
CA GLY A 163 28.07 20.65 14.66
C GLY A 163 27.41 21.94 15.13
N SER A 164 28.21 22.91 15.57
CA SER A 164 27.76 24.03 16.40
C SER A 164 26.80 24.97 15.67
N THR A 165 26.75 26.23 16.14
CA THR A 165 25.70 27.17 15.77
C THR A 165 24.36 26.67 16.31
N LEU A 166 23.36 27.56 16.34
CA LEU A 166 22.14 27.36 17.12
C LEU A 166 21.30 26.18 16.68
N ASP A 167 21.69 25.49 15.61
CA ASP A 167 21.00 24.26 15.24
C ASP A 167 21.00 23.33 16.46
N PRO A 168 19.92 22.58 16.70
CA PRO A 168 19.86 21.77 17.93
C PRO A 168 20.17 20.29 17.71
N GLN A 169 21.21 19.76 18.36
CA GLN A 169 21.52 18.33 18.27
C GLN A 169 20.64 17.52 19.22
N THR A 170 20.17 16.38 18.74
CA THR A 170 19.36 15.51 19.60
C THR A 170 20.26 14.66 20.47
N ILE A 171 19.89 14.53 21.74
CA ILE A 171 20.61 13.70 22.71
C ILE A 171 20.00 12.31 22.67
N LYS A 172 18.70 12.22 22.94
CA LYS A 172 18.00 10.95 22.97
C LYS A 172 16.74 11.03 22.10
N ASN A 173 16.47 9.97 21.32
CA ASN A 173 15.32 9.89 20.42
C ASN A 173 14.43 8.70 20.72
N GLU A 174 14.94 7.48 20.58
CA GLU A 174 14.20 6.29 20.95
C GLU A 174 14.30 6.06 22.45
N ASP A 175 13.26 5.43 23.00
CA ASP A 175 13.23 5.04 24.41
C ASP A 175 13.35 6.25 25.34
N VAL A 176 12.89 7.42 24.90
CA VAL A 176 12.75 8.52 25.84
C VAL A 176 11.49 8.21 26.65
N SER A 177 11.66 7.70 27.86
CA SER A 177 10.51 7.36 28.67
C SER A 177 9.84 8.63 29.19
N GLU A 178 8.60 8.48 29.63
CA GLU A 178 7.88 9.62 30.18
C GLU A 178 8.49 10.08 31.51
N LYS A 179 9.01 9.13 32.30
CA LYS A 179 9.72 9.52 33.50
C LYS A 179 10.91 10.41 33.15
N GLU A 180 11.72 9.99 32.15
CA GLU A 180 12.85 10.80 31.69
C GLU A 180 12.35 12.12 31.10
N TYR A 181 11.20 12.10 30.43
CA TYR A 181 10.69 13.32 29.81
C TYR A 181 10.25 14.34 30.86
N ALA A 182 9.64 13.88 31.95
CA ALA A 182 9.16 14.79 32.99
C ALA A 182 10.31 15.35 33.81
N ALA A 183 11.24 14.48 34.22
CA ALA A 183 12.38 14.93 35.00
C ALA A 183 13.14 16.04 34.30
N VAL A 184 13.38 15.88 32.98
CA VAL A 184 14.20 16.84 32.26
C VAL A 184 13.43 18.12 31.99
N SER A 185 12.13 18.02 31.70
CA SER A 185 11.34 19.19 31.40
C SER A 185 11.26 20.13 32.59
N GLN A 186 11.10 19.57 33.80
CA GLN A 186 11.00 20.38 35.00
C GLN A 186 12.35 20.87 35.51
N GLN A 187 13.44 20.61 34.79
CA GLN A 187 14.76 21.11 35.18
C GLN A 187 15.40 21.97 34.09
N LEU A 188 14.65 22.38 33.07
CA LEU A 188 15.22 23.16 31.98
C LEU A 188 15.86 24.46 32.48
N SER A 189 15.40 24.96 33.63
CA SER A 189 15.99 26.12 34.29
C SER A 189 17.37 25.82 34.88
N LYS A 190 17.68 24.56 35.15
CA LYS A 190 19.01 24.18 35.62
C LYS A 190 19.87 23.56 34.52
N LEU A 191 19.38 23.51 33.29
CA LEU A 191 20.06 22.84 32.17
C LEU A 191 20.13 23.76 30.95
N PRO A 192 21.19 24.57 30.85
CA PRO A 192 21.28 25.55 29.77
C PRO A 192 21.48 24.87 28.43
N GLY A 193 20.69 25.28 27.44
CA GLY A 193 20.76 24.70 26.12
C GLY A 193 19.98 23.41 25.96
N VAL A 194 19.51 22.82 27.06
CA VAL A 194 18.76 21.56 27.04
C VAL A 194 17.30 21.89 26.78
N ASN A 195 16.65 21.05 25.98
CA ASN A 195 15.24 21.26 25.66
C ASN A 195 14.55 19.93 25.39
N THR A 196 13.24 19.93 25.63
CA THR A 196 12.41 18.75 25.41
C THR A 196 11.28 19.09 24.44
N THR A 197 11.02 18.15 23.52
CA THR A 197 9.95 18.27 22.55
C THR A 197 9.05 17.05 22.65
N MET A 198 7.84 17.20 22.15
CA MET A 198 6.86 16.12 22.10
C MET A 198 6.28 16.07 20.69
N ASP A 199 6.12 14.87 20.14
CA ASP A 199 5.64 14.76 18.78
C ASP A 199 4.91 13.44 18.60
N TRP A 200 4.01 13.42 17.61
CA TRP A 200 3.17 12.28 17.32
C TRP A 200 3.65 11.57 16.06
N ASP A 201 3.62 10.24 16.10
CA ASP A 201 3.92 9.40 14.94
C ASP A 201 2.83 8.35 14.78
N ARG A 202 2.64 7.89 13.53
CA ARG A 202 1.69 6.82 13.30
C ARG A 202 2.18 5.54 13.96
N LYS A 203 1.25 4.78 14.51
CA LYS A 203 1.52 3.50 15.16
C LYS A 203 0.65 2.44 14.50
N TYR A 204 1.25 1.29 14.19
CA TYR A 204 0.63 0.26 13.35
C TYR A 204 0.45 -1.02 14.17
N PRO A 205 -0.62 -1.11 14.98
CA PRO A 205 -0.86 -2.32 15.79
C PRO A 205 -0.72 -3.64 15.05
N TYR A 206 -0.97 -3.68 13.74
CA TYR A 206 -0.95 -4.94 13.02
C TYR A 206 0.32 -5.13 12.21
N GLY A 207 1.35 -4.30 12.43
CA GLY A 207 2.62 -4.57 11.84
C GLY A 207 2.72 -4.16 10.39
N ASP A 208 3.12 -5.11 9.52
CA ASP A 208 3.29 -4.82 8.10
C ASP A 208 1.97 -4.82 7.33
N THR A 209 0.94 -5.47 7.88
CA THR A 209 -0.28 -5.70 7.14
C THR A 209 -0.86 -4.40 6.64
N LEU A 210 -0.99 -4.33 5.31
CA LEU A 210 -1.63 -3.23 4.61
C LEU A 210 -0.89 -1.91 4.74
N ARG A 211 0.35 -1.91 5.24
CA ARG A 211 1.08 -0.64 5.36
C ARG A 211 1.15 0.10 4.02
N GLY A 212 1.26 -0.62 2.90
CA GLY A 212 1.28 0.02 1.59
C GLY A 212 -0.02 0.70 1.19
N ILE A 213 -1.17 0.13 1.58
CA ILE A 213 -2.45 0.78 1.35
C ILE A 213 -2.63 1.96 2.29
N PHE A 214 -2.20 1.82 3.55
CA PHE A 214 -2.36 2.89 4.54
C PHE A 214 -1.62 4.15 4.10
N GLY A 215 -0.40 4.01 3.63
CA GLY A 215 0.38 5.16 3.23
C GLY A 215 1.12 5.79 4.41
N ASP A 216 1.68 6.96 4.13
CA ASP A 216 2.60 7.61 5.05
C ASP A 216 2.23 9.08 5.22
N VAL A 217 2.55 9.64 6.40
CA VAL A 217 2.50 11.08 6.59
C VAL A 217 3.94 11.57 6.55
N SER A 218 4.11 12.82 6.12
CA SER A 218 5.46 13.39 6.09
C SER A 218 6.02 13.51 7.51
N THR A 219 7.35 13.53 7.61
CA THR A 219 8.06 13.29 8.86
C THR A 219 8.39 14.56 9.64
N SER A 220 7.62 15.64 9.48
CA SER A 220 7.81 16.89 10.24
C SER A 220 9.10 17.63 9.85
N THR A 221 10.25 16.97 9.99
CA THR A 221 11.44 17.43 9.29
C THR A 221 11.16 17.59 7.80
N GLU A 222 10.26 16.76 7.26
CA GLU A 222 9.93 16.83 5.84
C GLU A 222 9.06 18.03 5.52
N GLY A 223 7.97 18.22 6.26
CA GLY A 223 6.97 19.14 5.78
C GLY A 223 6.30 18.54 4.55
N ILE A 224 5.54 19.38 3.85
CA ILE A 224 4.90 18.85 2.65
C ILE A 224 5.98 18.54 1.62
N PRO A 225 5.92 17.40 0.95
CA PRO A 225 7.03 17.01 0.06
C PRO A 225 7.04 17.84 -1.21
N LYS A 226 8.24 17.92 -1.83
CA LYS A 226 8.42 18.81 -2.98
C LYS A 226 7.47 18.45 -4.12
N GLU A 227 7.30 17.14 -4.37
CA GLU A 227 6.47 16.68 -5.48
C GLU A 227 5.01 17.05 -5.29
N LEU A 228 4.55 17.11 -4.03
CA LEU A 228 3.16 17.38 -3.71
C LEU A 228 2.88 18.85 -3.45
N THR A 229 3.92 19.65 -3.15
CA THR A 229 3.83 21.09 -2.90
C THR A 229 3.10 21.80 -4.03
N GLU A 230 2.76 23.07 -3.81
CA GLU A 230 1.90 23.87 -4.69
C GLU A 230 0.47 23.36 -4.57
N GLN A 231 0.27 22.05 -4.68
CA GLN A 231 -1.05 21.48 -4.48
C GLN A 231 -1.51 21.63 -3.02
N TYR A 232 -0.64 21.28 -2.07
CA TYR A 232 -0.94 21.52 -0.65
C TYR A 232 -0.96 23.00 -0.29
N LEU A 233 -0.25 23.84 -1.06
CA LEU A 233 -0.24 25.28 -0.79
C LEU A 233 -1.47 25.99 -1.35
N SER A 234 -2.07 25.47 -2.43
CA SER A 234 -3.29 26.06 -2.96
C SER A 234 -4.50 25.82 -2.07
N LYS A 235 -4.38 24.97 -1.05
CA LYS A 235 -5.48 24.73 -0.11
C LYS A 235 -5.34 25.54 1.17
N GLY A 236 -4.20 26.18 1.39
CA GLY A 236 -3.99 26.96 2.59
C GLY A 236 -3.07 26.33 3.62
N TYR A 237 -2.33 25.28 3.27
CA TYR A 237 -1.43 24.64 4.21
C TYR A 237 -0.04 25.28 4.16
N SER A 238 0.78 24.97 5.15
CA SER A 238 2.12 25.55 5.28
C SER A 238 3.19 24.50 5.03
N ARG A 239 4.36 24.94 4.56
CA ARG A 239 5.45 24.02 4.25
C ARG A 239 6.05 23.37 5.49
N ASN A 240 5.70 23.85 6.69
CA ASN A 240 6.11 23.18 7.93
C ASN A 240 5.15 22.07 8.34
N ASP A 241 3.94 22.06 7.76
CA ASP A 241 2.90 21.09 8.12
C ASP A 241 3.30 19.66 7.76
N ARG A 242 2.78 18.70 8.52
CA ARG A 242 2.89 17.28 8.20
C ARG A 242 1.61 16.80 7.50
N VAL A 243 1.77 16.14 6.36
CA VAL A 243 0.64 15.85 5.48
C VAL A 243 0.73 14.43 4.94
N GLY A 244 -0.42 13.96 4.44
CA GLY A 244 -0.51 12.63 3.88
C GLY A 244 0.26 12.54 2.58
N LYS A 245 1.21 11.62 2.49
CA LYS A 245 2.07 11.51 1.34
C LYS A 245 1.54 10.53 0.30
N SER A 246 0.94 9.41 0.72
CA SER A 246 0.59 8.33 -0.19
C SER A 246 -0.67 7.60 0.26
N TYR A 247 -1.47 7.20 -0.72
CA TYR A 247 -2.55 6.21 -0.57
C TYR A 247 -3.55 6.67 0.49
N LEU A 248 -3.96 5.81 1.43
CA LEU A 248 -5.06 6.20 2.31
C LEU A 248 -4.78 7.54 3.01
N GLU A 249 -3.56 7.70 3.58
CA GLU A 249 -3.25 8.95 4.30
C GLU A 249 -3.40 10.16 3.38
N TYR A 250 -3.08 9.99 2.10
CA TYR A 250 -3.22 11.10 1.16
C TYR A 250 -4.66 11.27 0.71
N GLN A 251 -5.33 10.16 0.36
CA GLN A 251 -6.69 10.22 -0.12
C GLN A 251 -7.62 10.89 0.89
N TYR A 252 -7.53 10.50 2.15
CA TYR A 252 -8.41 11.06 3.17
C TYR A 252 -7.71 12.09 4.02
N GLU A 253 -6.75 12.80 3.41
CA GLU A 253 -5.93 13.76 4.15
C GLU A 253 -6.80 14.80 4.84
N ASP A 254 -7.78 15.35 4.14
CA ASP A 254 -8.48 16.45 4.78
C ASP A 254 -9.61 16.02 5.69
N VAL A 255 -9.86 14.71 5.85
CA VAL A 255 -10.79 14.30 6.89
C VAL A 255 -9.97 13.82 8.08
N LEU A 256 -8.75 13.37 7.82
CA LEU A 256 -7.87 12.86 8.89
C LEU A 256 -7.07 13.97 9.57
N LYS A 257 -6.76 15.07 8.86
CA LYS A 257 -6.18 16.24 9.50
C LYS A 257 -7.21 16.87 10.43
N GLY A 258 -6.74 17.59 11.43
CA GLY A 258 -7.65 18.25 12.33
C GLY A 258 -8.08 19.61 11.81
N THR A 259 -8.74 20.34 12.69
CA THR A 259 -8.83 21.79 12.58
C THR A 259 -7.90 22.36 13.65
N LYS A 260 -6.85 23.07 13.20
CA LYS A 260 -5.80 23.56 14.09
C LYS A 260 -6.35 24.58 15.09
N LYS A 261 -5.69 24.67 16.24
CA LYS A 261 -6.02 25.70 17.22
C LYS A 261 -5.45 27.04 16.75
N GLN A 262 -6.35 28.00 16.49
CA GLN A 262 -5.98 29.30 15.92
C GLN A 262 -6.22 30.40 16.96
N MET A 263 -5.14 30.98 17.47
CA MET A 263 -5.18 32.01 18.49
C MET A 263 -4.91 33.36 17.84
N LYS A 264 -5.58 34.41 18.32
CA LYS A 264 -5.30 35.77 17.89
C LYS A 264 -5.04 36.66 19.11
N TYR A 265 -4.05 37.56 18.97
CA TYR A 265 -3.65 38.48 20.03
C TYR A 265 -3.64 39.90 19.48
N THR A 266 -3.90 40.88 20.34
CA THR A 266 -3.83 42.30 19.98
C THR A 266 -2.81 42.97 20.91
N THR A 267 -1.78 43.58 20.32
CA THR A 267 -0.67 44.12 21.08
C THR A 267 -0.37 45.54 20.60
N ASP A 268 0.42 46.27 21.39
CA ASP A 268 0.66 47.69 21.17
C ASP A 268 2.12 48.00 21.49
N LYS A 269 2.44 49.30 21.48
CA LYS A 269 3.73 49.90 21.88
C LYS A 269 4.91 48.95 21.79
N SER A 270 5.27 48.29 22.89
CA SER A 270 6.44 47.43 22.93
C SER A 270 6.09 45.94 22.86
N GLY A 271 4.85 45.54 23.16
CA GLY A 271 4.49 44.15 22.98
C GLY A 271 3.43 43.55 23.89
N ARG A 272 2.90 44.32 24.85
CA ARG A 272 1.97 43.78 25.84
C ARG A 272 0.61 43.47 25.21
N VAL A 273 0.17 42.20 25.29
CA VAL A 273 -1.14 41.83 24.77
C VAL A 273 -2.22 42.42 25.67
N ILE A 274 -3.21 43.06 25.04
CA ILE A 274 -4.32 43.70 25.74
C ILE A 274 -5.64 42.96 25.52
N SER A 275 -5.64 41.89 24.73
CA SER A 275 -6.84 41.07 24.52
C SER A 275 -6.43 39.76 23.87
N SER A 276 -6.92 38.64 24.40
CA SER A 276 -6.80 37.33 23.78
C SER A 276 -8.17 36.89 23.27
N GLU A 277 -8.17 36.16 22.16
CA GLU A 277 -9.41 35.76 21.51
C GLU A 277 -9.20 34.43 20.79
N VAL A 278 -9.77 33.35 21.34
CA VAL A 278 -9.61 32.02 20.76
C VAL A 278 -10.47 31.96 19.50
N LEU A 279 -9.81 32.02 18.33
CA LEU A 279 -10.55 31.97 17.08
C LEU A 279 -11.17 30.59 16.86
N ASN A 280 -10.41 29.52 17.10
CA ASN A 280 -10.89 28.16 16.99
C ASN A 280 -10.17 27.32 18.05
N PRO A 281 -10.91 26.60 18.90
CA PRO A 281 -10.25 25.86 19.99
C PRO A 281 -9.42 24.68 19.51
N GLY A 282 -9.76 24.14 18.35
CA GLY A 282 -9.16 22.94 17.81
C GLY A 282 -10.12 21.76 17.86
N SER A 283 -9.85 20.79 17.00
CA SER A 283 -10.49 19.49 17.07
C SER A 283 -9.50 18.47 16.53
N ARG A 284 -9.53 17.27 17.11
CA ARG A 284 -8.75 16.19 16.53
C ARG A 284 -9.34 15.76 15.19
N GLY A 285 -8.53 15.07 14.41
CA GLY A 285 -9.00 14.60 13.13
C GLY A 285 -10.16 13.63 13.27
N HIS A 286 -10.91 13.50 12.18
CA HIS A 286 -11.97 12.52 12.11
C HIS A 286 -11.38 11.12 11.98
N ASP A 287 -11.94 10.16 12.71
CA ASP A 287 -11.54 8.77 12.51
C ASP A 287 -12.12 8.25 11.19
N LEU A 288 -11.30 7.50 10.46
CA LEU A 288 -11.70 6.90 9.19
C LEU A 288 -11.85 5.40 9.39
N GLN A 289 -13.05 4.89 9.15
CA GLN A 289 -13.32 3.46 9.26
C GLN A 289 -13.33 2.81 7.88
N LEU A 290 -12.58 1.73 7.73
CA LEU A 290 -12.45 1.07 6.44
C LEU A 290 -13.41 -0.12 6.32
N THR A 291 -13.59 -0.57 5.08
CA THR A 291 -14.35 -1.78 4.80
C THR A 291 -13.56 -3.04 5.12
N ILE A 292 -12.23 -2.94 5.21
CA ILE A 292 -11.38 -4.09 5.53
C ILE A 292 -11.87 -4.78 6.80
N ASP A 293 -11.91 -6.11 6.76
CA ASP A 293 -11.96 -6.92 7.98
C ASP A 293 -10.56 -7.48 8.23
N ILE A 294 -9.86 -6.89 9.19
CA ILE A 294 -8.45 -7.24 9.37
C ILE A 294 -8.24 -8.71 9.73
N ASP A 295 -9.25 -9.38 10.31
CA ASP A 295 -9.07 -10.81 10.52
C ASP A 295 -9.12 -11.55 9.21
N LEU A 296 -10.08 -11.19 8.34
CA LEU A 296 -10.09 -11.74 6.99
C LEU A 296 -8.79 -11.42 6.28
N GLN A 297 -8.31 -10.18 6.44
CA GLN A 297 -7.08 -9.72 5.78
C GLN A 297 -5.88 -10.57 6.20
N LYS A 298 -5.74 -10.84 7.51
CA LYS A 298 -4.63 -11.68 7.96
C LYS A 298 -4.79 -13.12 7.48
N LYS A 299 -6.03 -13.62 7.44
CA LYS A 299 -6.24 -15.01 7.01
C LYS A 299 -5.88 -15.17 5.54
N VAL A 300 -6.21 -14.16 4.73
CA VAL A 300 -5.92 -14.20 3.31
C VAL A 300 -4.42 -14.15 3.08
N GLU A 301 -3.73 -13.25 3.78
CA GLU A 301 -2.28 -13.16 3.66
C GLU A 301 -1.63 -14.47 4.05
N SER A 302 -2.19 -15.14 5.07
CA SER A 302 -1.66 -16.44 5.47
C SER A 302 -1.89 -17.49 4.39
N LEU A 303 -3.11 -17.58 3.87
CA LEU A 303 -3.38 -18.57 2.83
C LEU A 303 -2.58 -18.28 1.57
N LEU A 304 -2.44 -17.00 1.22
CA LEU A 304 -1.71 -16.63 0.01
C LEU A 304 -0.26 -17.07 0.12
N GLU A 305 0.36 -16.85 1.28
CA GLU A 305 1.74 -17.30 1.49
C GLU A 305 1.84 -18.82 1.37
N LYS A 306 0.96 -19.55 2.06
CA LYS A 306 0.98 -21.01 1.93
C LYS A 306 0.72 -21.45 0.49
N GLN A 307 -0.11 -20.71 -0.24
CA GLN A 307 -0.39 -21.16 -1.60
C GLN A 307 0.79 -20.87 -2.54
N ILE A 308 1.43 -19.71 -2.38
CA ILE A 308 2.66 -19.42 -3.14
C ILE A 308 3.67 -20.53 -2.90
N SER A 309 3.87 -20.89 -1.64
CA SER A 309 4.87 -21.90 -1.29
C SER A 309 4.49 -23.26 -1.86
N LYS A 310 3.22 -23.65 -1.76
CA LYS A 310 2.81 -24.92 -2.35
C LYS A 310 2.97 -24.92 -3.87
N LEU A 311 2.60 -23.83 -4.54
CA LEU A 311 2.75 -23.79 -5.99
C LEU A 311 4.22 -23.88 -6.40
N ARG A 312 5.08 -23.18 -5.66
CA ARG A 312 6.52 -23.30 -5.92
C ARG A 312 7.00 -24.74 -5.75
N SER A 313 6.57 -25.40 -4.68
CA SER A 313 6.96 -26.79 -4.47
C SER A 313 6.47 -27.69 -5.59
N GLN A 314 5.45 -27.29 -6.34
CA GLN A 314 4.96 -28.07 -7.46
C GLN A 314 5.57 -27.61 -8.78
N GLY A 315 6.59 -26.77 -8.75
CA GLY A 315 7.32 -26.39 -9.96
C GLY A 315 7.20 -24.95 -10.38
N ALA A 316 6.42 -24.12 -9.69
CA ALA A 316 6.17 -22.76 -10.15
C ALA A 316 7.19 -21.79 -9.55
N LYS A 317 8.47 -22.07 -9.77
CA LYS A 317 9.52 -21.29 -9.11
C LYS A 317 9.92 -20.04 -9.86
N ASP A 318 9.32 -19.77 -11.02
CA ASP A 318 9.47 -18.49 -11.67
C ASP A 318 8.29 -17.57 -11.46
N MET A 319 7.22 -18.08 -10.85
CA MET A 319 6.05 -17.26 -10.58
C MET A 319 6.48 -16.07 -9.73
N ASP A 320 6.16 -14.86 -10.19
CA ASP A 320 6.67 -13.65 -9.56
C ASP A 320 5.60 -12.72 -8.98
N ASN A 321 4.32 -12.95 -9.24
CA ASN A 321 3.28 -12.17 -8.61
C ASN A 321 2.09 -13.03 -8.19
N ALA A 322 1.49 -12.66 -7.06
CA ALA A 322 0.31 -13.36 -6.59
C ALA A 322 -0.56 -12.31 -5.91
N LEU A 323 -1.73 -12.04 -6.50
CA LEU A 323 -2.61 -11.00 -6.01
C LEU A 323 -4.01 -11.57 -5.83
N MET A 324 -4.69 -11.09 -4.80
CA MET A 324 -6.08 -11.45 -4.57
C MET A 324 -6.83 -10.25 -4.03
N VAL A 325 -8.05 -10.00 -4.56
CA VAL A 325 -8.98 -9.01 -4.02
C VAL A 325 -10.21 -9.76 -3.54
N VAL A 326 -10.73 -9.41 -2.37
CA VAL A 326 -11.97 -10.00 -1.87
C VAL A 326 -12.94 -8.86 -1.64
N GLN A 327 -14.11 -8.96 -2.23
CA GLN A 327 -15.08 -7.88 -2.16
C GLN A 327 -16.41 -8.45 -1.67
N ASN A 328 -17.27 -7.54 -1.21
CA ASN A 328 -18.69 -7.86 -1.13
C ASN A 328 -19.36 -7.31 -2.38
N PRO A 329 -19.83 -8.16 -3.31
CA PRO A 329 -20.34 -7.64 -4.58
C PRO A 329 -21.62 -6.83 -4.45
N LYS A 330 -22.32 -6.89 -3.33
CA LYS A 330 -23.54 -6.12 -3.27
C LYS A 330 -23.30 -4.63 -3.00
N ASN A 331 -22.16 -4.27 -2.44
CA ASN A 331 -21.92 -2.87 -2.11
C ASN A 331 -20.52 -2.36 -2.46
N GLY A 332 -19.66 -3.18 -3.09
CA GLY A 332 -18.31 -2.77 -3.44
C GLY A 332 -17.29 -2.79 -2.30
N ASP A 333 -17.72 -2.99 -1.05
CA ASP A 333 -16.79 -3.10 0.07
C ASP A 333 -15.62 -3.99 -0.31
N ILE A 334 -14.40 -3.53 -0.04
CA ILE A 334 -13.20 -4.34 -0.21
C ILE A 334 -12.92 -5.01 1.12
N LEU A 335 -13.19 -6.31 1.21
CA LEU A 335 -13.04 -6.94 2.52
C LEU A 335 -11.60 -7.32 2.77
N ALA A 336 -10.86 -7.61 1.70
CA ALA A 336 -9.42 -7.88 1.76
C ALA A 336 -8.77 -7.51 0.43
N ILE A 337 -7.48 -7.26 0.47
CA ILE A 337 -6.72 -6.88 -0.71
C ILE A 337 -5.27 -7.21 -0.42
N ALA A 338 -4.72 -8.20 -1.13
CA ALA A 338 -3.38 -8.70 -0.83
C ALA A 338 -2.61 -8.95 -2.12
N GLY A 339 -1.32 -8.66 -2.08
CA GLY A 339 -0.44 -9.00 -3.18
C GLY A 339 0.97 -9.22 -2.67
N LYS A 340 1.70 -10.08 -3.37
CA LYS A 340 3.08 -10.39 -3.06
C LYS A 340 3.87 -10.39 -4.35
N GLN A 341 5.12 -9.95 -4.29
CA GLN A 341 6.07 -10.25 -5.35
C GLN A 341 6.98 -11.36 -4.86
N ILE A 342 7.41 -12.22 -5.78
CA ILE A 342 8.11 -13.46 -5.46
C ILE A 342 9.37 -13.51 -6.32
N ASP A 343 10.53 -13.59 -5.68
CA ASP A 343 11.77 -13.77 -6.43
C ASP A 343 12.01 -15.28 -6.67
N LYS A 344 13.11 -15.59 -7.37
CA LYS A 344 13.33 -16.97 -7.79
C LYS A 344 13.52 -17.91 -6.61
N GLN A 345 13.79 -17.39 -5.40
CA GLN A 345 13.99 -18.23 -4.22
C GLN A 345 12.76 -18.35 -3.33
N GLY A 346 11.65 -17.73 -3.69
CA GLY A 346 10.47 -17.74 -2.87
C GLY A 346 10.34 -16.58 -1.90
N LYS A 347 11.25 -15.61 -1.93
CA LYS A 347 11.17 -14.53 -0.96
C LYS A 347 10.11 -13.53 -1.42
N LEU A 348 9.23 -13.18 -0.49
CA LEU A 348 8.10 -12.32 -0.77
C LEU A 348 8.42 -10.88 -0.45
N LYS A 349 7.92 -9.98 -1.27
CA LYS A 349 7.91 -8.56 -0.97
C LYS A 349 6.45 -8.13 -1.04
N ASP A 350 5.99 -7.38 -0.04
CA ASP A 350 4.58 -6.99 0.02
C ASP A 350 4.23 -6.05 -1.12
N TYR A 351 3.06 -6.26 -1.71
CA TYR A 351 2.62 -5.55 -2.90
C TYR A 351 1.10 -5.50 -2.97
N ASP A 352 0.46 -5.07 -1.87
CA ASP A 352 -0.99 -4.95 -1.87
C ASP A 352 -1.48 -4.00 -2.96
N ILE A 353 -0.70 -2.97 -3.29
CA ILE A 353 -1.19 -1.97 -4.23
C ILE A 353 -1.17 -2.46 -5.67
N GLY A 354 -0.55 -3.63 -5.93
CA GLY A 354 -0.56 -4.19 -7.26
C GLY A 354 -1.95 -4.52 -7.77
N ASN A 355 -2.89 -4.74 -6.85
CA ASN A 355 -4.25 -5.09 -7.25
C ASN A 355 -4.91 -4.01 -8.09
N PHE A 356 -4.49 -2.74 -7.96
CA PHE A 356 -5.10 -1.71 -8.80
C PHE A 356 -4.09 -0.81 -9.50
N THR A 357 -2.79 -0.99 -9.26
CA THR A 357 -1.76 -0.20 -9.95
C THR A 357 -0.98 -0.99 -10.98
N ALA A 358 -1.23 -2.28 -11.11
CA ALA A 358 -0.49 -3.14 -12.01
C ALA A 358 -1.50 -3.85 -12.91
N GLN A 359 -1.13 -4.10 -14.16
CA GLN A 359 -2.03 -4.71 -15.12
C GLN A 359 -1.36 -5.95 -15.71
N TYR A 360 -2.20 -6.92 -16.12
CA TYR A 360 -1.73 -8.23 -16.54
C TYR A 360 -2.62 -8.78 -17.64
N THR A 361 -2.05 -9.69 -18.44
CA THR A 361 -2.83 -10.45 -19.40
C THR A 361 -3.57 -11.54 -18.62
N VAL A 362 -4.90 -11.49 -18.59
CA VAL A 362 -5.69 -12.35 -17.72
C VAL A 362 -6.32 -13.55 -18.42
N GLY A 363 -6.38 -13.56 -19.76
CA GLY A 363 -6.83 -14.75 -20.45
C GLY A 363 -8.33 -14.99 -20.33
N SER A 364 -8.71 -16.27 -20.29
CA SER A 364 -10.09 -16.69 -20.48
C SER A 364 -11.07 -16.14 -19.45
N SER A 365 -10.62 -15.60 -18.32
CA SER A 365 -11.60 -15.23 -17.30
C SER A 365 -12.54 -14.10 -17.75
N VAL A 366 -12.22 -13.38 -18.83
CA VAL A 366 -13.08 -12.28 -19.30
C VAL A 366 -14.26 -12.74 -20.15
N LYS A 367 -14.32 -14.04 -20.50
CA LYS A 367 -15.27 -14.49 -21.52
C LYS A 367 -16.72 -14.20 -21.14
N GLY A 368 -17.03 -14.12 -19.84
CA GLY A 368 -18.36 -13.68 -19.45
C GLY A 368 -18.70 -12.30 -19.98
N GLY A 369 -17.73 -11.38 -19.96
CA GLY A 369 -17.93 -10.07 -20.55
C GLY A 369 -18.12 -10.16 -22.05
N THR A 370 -17.30 -10.99 -22.71
CA THR A 370 -17.42 -11.18 -24.15
C THR A 370 -18.84 -11.61 -24.55
N LEU A 371 -19.41 -12.60 -23.84
CA LEU A 371 -20.77 -13.04 -24.16
C LEU A 371 -21.77 -11.90 -24.01
N LEU A 372 -21.66 -11.11 -22.94
CA LEU A 372 -22.59 -10.01 -22.76
C LEU A 372 -22.45 -9.00 -23.89
N ALA A 373 -21.22 -8.77 -24.34
CA ALA A 373 -21.06 -7.86 -25.47
C ALA A 373 -21.67 -8.47 -26.74
N GLY A 374 -21.55 -9.79 -26.91
CA GLY A 374 -22.17 -10.45 -28.05
C GLY A 374 -23.68 -10.35 -28.05
N TYR A 375 -24.32 -10.52 -26.88
CA TYR A 375 -25.78 -10.46 -26.83
C TYR A 375 -26.30 -9.07 -27.15
N GLN A 376 -25.70 -8.04 -26.54
CA GLN A 376 -26.25 -6.68 -26.64
C GLN A 376 -26.14 -6.08 -28.03
N ASN A 377 -25.20 -6.56 -28.86
CA ASN A 377 -25.11 -6.16 -30.26
C ASN A 377 -25.79 -7.16 -31.19
N LYS A 378 -26.65 -8.03 -30.65
CA LYS A 378 -27.41 -9.01 -31.42
C LYS A 378 -26.50 -9.90 -32.28
N ALA A 379 -25.25 -10.11 -31.88
CA ALA A 379 -24.33 -10.98 -32.63
C ALA A 379 -24.55 -12.47 -32.33
N ILE A 380 -25.00 -12.78 -31.11
CA ILE A 380 -25.35 -14.14 -30.74
C ILE A 380 -26.62 -14.03 -29.92
N ASN A 381 -27.37 -15.13 -29.87
CA ASN A 381 -28.56 -15.24 -29.04
C ASN A 381 -28.27 -16.04 -27.78
N VAL A 382 -28.94 -15.67 -26.71
CA VAL A 382 -28.94 -16.53 -25.52
C VAL A 382 -29.23 -17.98 -25.88
N GLY A 383 -28.32 -18.89 -25.49
CA GLY A 383 -28.46 -20.30 -25.78
C GLY A 383 -28.00 -20.74 -27.15
N GLU A 384 -27.52 -19.82 -27.97
CA GLU A 384 -27.07 -20.18 -29.30
C GLU A 384 -26.02 -21.27 -29.21
N THR A 385 -26.23 -22.35 -29.96
CA THR A 385 -25.23 -23.40 -30.09
C THR A 385 -24.34 -23.13 -31.28
N MET A 386 -23.03 -23.34 -31.11
CA MET A 386 -22.12 -23.35 -32.25
C MET A 386 -21.15 -24.52 -32.12
N VAL A 387 -20.59 -24.90 -33.27
CA VAL A 387 -19.59 -25.97 -33.34
C VAL A 387 -18.23 -25.44 -32.90
N ASP A 388 -17.69 -26.00 -31.82
CA ASP A 388 -16.30 -25.77 -31.47
C ASP A 388 -15.45 -26.73 -32.30
N GLU A 389 -14.43 -26.21 -32.96
CA GLU A 389 -13.51 -26.99 -33.79
C GLU A 389 -12.35 -26.08 -34.20
N PRO A 390 -11.25 -26.67 -34.66
CA PRO A 390 -10.17 -25.83 -35.17
C PRO A 390 -10.66 -25.00 -36.35
N LEU A 391 -10.38 -23.71 -36.29
CA LEU A 391 -10.69 -22.80 -37.38
C LEU A 391 -9.49 -22.66 -38.31
N LYS A 392 -9.76 -22.57 -39.61
CA LYS A 392 -8.72 -22.34 -40.61
C LYS A 392 -9.00 -21.03 -41.33
N PHE A 393 -7.98 -20.18 -41.41
CA PHE A 393 -8.02 -18.91 -42.10
C PHE A 393 -7.02 -18.89 -43.24
N GLN A 394 -7.20 -17.90 -44.11
CA GLN A 394 -6.45 -17.83 -45.36
C GLN A 394 -4.95 -17.97 -45.10
N GLY A 395 -4.27 -18.69 -46.00
CA GLY A 395 -2.86 -18.89 -45.92
C GLY A 395 -2.41 -19.99 -44.99
N GLY A 396 -3.24 -20.37 -44.03
CA GLY A 396 -2.96 -21.55 -43.22
C GLY A 396 -2.96 -21.32 -41.72
N LEU A 397 -3.34 -20.11 -41.30
CA LEU A 397 -3.42 -19.80 -39.87
C LEU A 397 -4.59 -20.55 -39.22
N THR A 398 -4.31 -21.31 -38.17
CA THR A 398 -5.36 -22.02 -37.44
C THR A 398 -5.46 -21.47 -36.02
N LYS A 399 -6.64 -21.66 -35.42
CA LYS A 399 -6.95 -21.27 -34.05
C LYS A 399 -7.86 -22.35 -33.46
N ARG A 400 -7.64 -22.73 -32.20
CA ARG A 400 -8.44 -23.82 -31.65
C ARG A 400 -8.60 -23.68 -30.14
N SER A 401 -9.51 -24.47 -29.59
CA SER A 401 -9.78 -24.47 -28.16
C SER A 401 -8.95 -25.52 -27.47
N TYR A 402 -8.49 -25.22 -26.25
CA TYR A 402 -7.62 -26.15 -25.56
C TYR A 402 -8.31 -27.50 -25.35
N PHE A 403 -9.55 -27.49 -24.87
CA PHE A 403 -10.24 -28.74 -24.55
C PHE A 403 -10.60 -29.57 -25.78
N ASN A 404 -10.39 -29.09 -27.00
CA ASN A 404 -10.87 -29.76 -28.20
C ASN A 404 -9.93 -29.43 -29.37
N LYS A 405 -8.69 -29.95 -29.27
CA LYS A 405 -7.69 -29.64 -30.28
C LYS A 405 -7.93 -30.40 -31.59
N ASN A 406 -8.65 -31.51 -31.56
CA ASN A 406 -8.75 -32.35 -32.74
C ASN A 406 -10.17 -32.71 -33.14
N GLY A 407 -11.19 -32.29 -32.40
CA GLY A 407 -12.54 -32.74 -32.69
C GLY A 407 -13.53 -31.66 -33.10
N HIS A 408 -14.82 -31.98 -33.08
CA HIS A 408 -15.87 -31.04 -33.49
C HIS A 408 -17.05 -31.24 -32.55
N VAL A 409 -17.27 -30.27 -31.67
CA VAL A 409 -18.26 -30.39 -30.62
C VAL A 409 -19.24 -29.22 -30.73
N SER A 410 -20.53 -29.53 -30.69
CA SER A 410 -21.57 -28.51 -30.65
C SER A 410 -21.79 -28.09 -29.20
N ILE A 411 -21.68 -26.79 -28.90
CA ILE A 411 -21.80 -26.34 -27.52
C ILE A 411 -22.60 -25.06 -27.40
N ASP A 412 -23.37 -25.01 -26.34
CA ASP A 412 -24.01 -23.85 -25.74
C ASP A 412 -23.04 -22.70 -25.46
N ASP A 413 -23.60 -21.50 -25.25
CA ASP A 413 -22.80 -20.43 -24.65
C ASP A 413 -22.44 -20.76 -23.21
N LYS A 414 -23.34 -21.40 -22.46
CA LYS A 414 -22.90 -21.70 -21.10
C LYS A 414 -21.95 -22.89 -21.06
N GLN A 415 -22.04 -23.81 -22.01
CA GLN A 415 -20.97 -24.80 -22.14
C GLN A 415 -19.69 -24.18 -22.68
N ALA A 416 -19.78 -23.10 -23.47
CA ALA A 416 -18.55 -22.38 -23.84
C ALA A 416 -17.83 -21.87 -22.60
N LEU A 417 -18.57 -21.29 -21.64
CA LEU A 417 -17.95 -20.80 -20.41
C LEU A 417 -17.44 -21.97 -19.56
N MET A 418 -18.23 -23.02 -19.40
CA MET A 418 -17.79 -24.19 -18.64
C MET A 418 -16.45 -24.74 -19.15
N HIS A 419 -16.33 -24.95 -20.48
CA HIS A 419 -15.11 -25.51 -21.09
C HIS A 419 -14.02 -24.48 -21.27
N SER A 420 -14.38 -23.19 -21.27
CA SER A 420 -13.49 -22.13 -21.72
C SER A 420 -13.10 -22.33 -23.20
N SER A 421 -14.13 -22.38 -24.03
CA SER A 421 -13.99 -22.51 -25.48
C SER A 421 -13.46 -21.22 -26.08
N ASN A 422 -12.25 -21.25 -26.64
CA ASN A 422 -11.79 -20.13 -27.46
C ASN A 422 -12.67 -19.95 -28.69
N VAL A 423 -12.98 -21.06 -29.38
CA VAL A 423 -13.57 -20.97 -30.71
C VAL A 423 -14.97 -20.38 -30.66
N TYR A 424 -15.71 -20.61 -29.58
CA TYR A 424 -17.00 -19.95 -29.46
C TYR A 424 -16.86 -18.43 -29.42
N MET A 425 -15.86 -17.93 -28.68
CA MET A 425 -15.62 -16.50 -28.63
C MET A 425 -15.07 -15.95 -29.94
N PHE A 426 -14.26 -16.75 -30.66
CA PHE A 426 -13.80 -16.30 -31.97
C PHE A 426 -14.98 -16.14 -32.91
N LYS A 427 -15.83 -17.18 -33.00
CA LYS A 427 -17.02 -17.10 -33.83
C LYS A 427 -17.92 -15.96 -33.38
N THR A 428 -18.02 -15.73 -32.06
CA THR A 428 -18.84 -14.62 -31.58
C THR A 428 -18.27 -13.28 -32.05
N ALA A 429 -16.94 -13.12 -32.04
CA ALA A 429 -16.34 -11.84 -32.44
C ALA A 429 -16.46 -11.59 -33.94
N LEU A 430 -16.33 -12.65 -34.76
CA LEU A 430 -16.52 -12.49 -36.20
C LEU A 430 -17.96 -12.12 -36.52
N LYS A 431 -18.91 -12.71 -35.80
CA LYS A 431 -20.30 -12.29 -35.97
C LYS A 431 -20.47 -10.83 -35.56
N LEU A 432 -19.90 -10.43 -34.43
CA LEU A 432 -19.91 -9.02 -34.07
C LEU A 432 -19.25 -8.16 -35.14
N ALA A 433 -18.21 -8.69 -35.81
CA ALA A 433 -17.52 -7.97 -36.89
C ALA A 433 -18.27 -8.03 -38.21
N GLY A 434 -19.49 -8.58 -38.23
CA GLY A 434 -20.23 -8.65 -39.46
C GLY A 434 -19.65 -9.60 -40.48
N ASP A 435 -18.88 -10.60 -40.03
CA ASP A 435 -18.17 -11.49 -40.95
C ASP A 435 -18.11 -12.89 -40.38
N PRO A 436 -19.24 -13.61 -40.37
CA PRO A 436 -19.28 -14.89 -39.65
C PRO A 436 -18.32 -15.90 -40.26
N TYR A 437 -17.79 -16.78 -39.41
CA TYR A 437 -16.72 -17.67 -39.83
C TYR A 437 -17.15 -18.59 -40.97
N THR A 438 -16.27 -18.73 -41.95
CA THR A 438 -16.31 -19.77 -42.97
C THR A 438 -14.88 -20.29 -43.14
N SER A 439 -14.74 -21.61 -43.21
CA SER A 439 -13.43 -22.20 -43.32
C SER A 439 -12.64 -21.55 -44.46
N GLY A 440 -11.37 -21.29 -44.19
CA GLY A 440 -10.47 -20.71 -45.17
C GLY A 440 -10.67 -19.23 -45.42
N MET A 441 -11.59 -18.58 -44.70
CA MET A 441 -11.79 -17.16 -44.95
C MET A 441 -10.52 -16.39 -44.63
N SER A 442 -10.42 -15.17 -45.17
CA SER A 442 -9.43 -14.23 -44.70
C SER A 442 -10.05 -13.40 -43.57
N LEU A 443 -9.24 -13.04 -42.60
CA LEU A 443 -9.77 -12.28 -41.48
C LEU A 443 -10.25 -10.92 -41.99
N PRO A 444 -11.33 -10.37 -41.45
CA PRO A 444 -11.81 -9.06 -41.90
C PRO A 444 -10.75 -7.99 -41.72
N ASN A 445 -10.70 -7.08 -42.67
CA ASN A 445 -9.59 -6.15 -42.86
C ASN A 445 -9.64 -5.00 -41.86
N ASN A 446 -10.80 -4.38 -41.74
CA ASN A 446 -11.01 -3.31 -40.79
C ASN A 446 -11.95 -3.80 -39.72
N ILE A 447 -11.44 -3.95 -38.49
CA ILE A 447 -12.25 -4.32 -37.34
C ILE A 447 -12.38 -3.16 -36.35
N ALA A 448 -12.20 -1.91 -36.80
CA ALA A 448 -12.27 -0.77 -35.89
C ALA A 448 -13.62 -0.71 -35.18
N ASP A 449 -14.70 -0.84 -35.92
CA ASP A 449 -16.03 -0.71 -35.32
C ASP A 449 -16.35 -1.91 -34.43
N ALA A 450 -15.98 -3.11 -34.86
CA ALA A 450 -16.17 -4.25 -33.99
C ALA A 450 -15.36 -4.08 -32.71
N GLY A 451 -14.11 -3.60 -32.83
CA GLY A 451 -13.28 -3.40 -31.67
C GLY A 451 -13.87 -2.41 -30.68
N ARG A 452 -14.41 -1.30 -31.19
CA ARG A 452 -15.01 -0.35 -30.25
C ARG A 452 -16.24 -0.96 -29.61
N LYS A 453 -17.01 -1.76 -30.36
CA LYS A 453 -18.20 -2.36 -29.76
C LYS A 453 -17.84 -3.41 -28.73
N LEU A 454 -16.76 -4.15 -28.94
CA LEU A 454 -16.39 -5.20 -27.99
C LEU A 454 -15.86 -4.58 -26.70
N ARG A 455 -15.05 -3.53 -26.82
CA ARG A 455 -14.55 -2.82 -25.65
C ARG A 455 -15.67 -2.14 -24.89
N LYS A 456 -16.61 -1.53 -25.60
CA LYS A 456 -17.76 -0.92 -24.94
C LYS A 456 -18.50 -1.95 -24.10
N GLY A 457 -18.63 -3.19 -24.60
CA GLY A 457 -19.24 -4.24 -23.80
C GLY A 457 -18.41 -4.60 -22.58
N LEU A 458 -17.09 -4.75 -22.75
CA LEU A 458 -16.22 -5.08 -21.63
C LEU A 458 -16.15 -3.94 -20.61
N ASN A 459 -16.13 -2.69 -21.09
CA ASN A 459 -16.18 -1.53 -20.19
C ASN A 459 -17.38 -1.58 -19.27
N GLN A 460 -18.51 -2.12 -19.74
CA GLN A 460 -19.71 -2.00 -18.94
C GLN A 460 -19.68 -2.91 -17.73
N VAL A 461 -18.79 -3.90 -17.72
CA VAL A 461 -18.61 -4.76 -16.56
C VAL A 461 -17.31 -4.45 -15.82
N GLY A 462 -16.61 -3.38 -16.19
CA GLY A 462 -15.42 -2.97 -15.47
C GLY A 462 -14.10 -3.33 -16.11
N LEU A 463 -14.12 -4.00 -17.27
CA LEU A 463 -12.93 -4.43 -18.01
C LEU A 463 -12.53 -3.33 -18.99
N GLY A 464 -11.57 -2.50 -18.57
CA GLY A 464 -11.12 -1.44 -19.47
C GLY A 464 -11.11 -0.06 -18.88
N LEU A 465 -12.13 0.30 -18.10
CA LEU A 465 -12.16 1.58 -17.39
C LEU A 465 -11.58 1.45 -15.99
N LYS A 466 -11.25 2.60 -15.40
CA LYS A 466 -10.91 2.63 -13.98
C LYS A 466 -12.13 2.22 -13.16
N THR A 467 -11.93 1.39 -12.13
CA THR A 467 -13.08 0.93 -11.34
C THR A 467 -13.64 2.05 -10.47
N GLY A 468 -12.80 3.04 -10.12
CA GLY A 468 -13.23 4.14 -9.31
C GLY A 468 -12.85 4.05 -7.85
N ILE A 469 -11.87 3.23 -7.51
CA ILE A 469 -11.51 3.02 -6.11
C ILE A 469 -11.03 4.32 -5.48
N ASP A 470 -11.32 4.46 -4.18
CA ASP A 470 -10.94 5.65 -3.42
C ASP A 470 -9.46 5.58 -2.99
N LEU A 471 -8.57 5.27 -3.93
CA LEU A 471 -7.13 5.30 -3.71
C LEU A 471 -6.50 5.92 -4.96
N PRO A 472 -5.37 6.60 -4.80
CA PRO A 472 -4.71 7.19 -5.97
C PRO A 472 -4.01 6.13 -6.81
N ASN A 473 -3.72 6.49 -8.06
CA ASN A 473 -2.86 5.73 -8.96
C ASN A 473 -3.53 4.49 -9.54
N GLU A 474 -4.85 4.38 -9.51
CA GLU A 474 -5.47 3.26 -10.21
C GLU A 474 -5.15 3.34 -11.69
N THR A 475 -4.73 2.17 -12.30
CA THR A 475 -4.60 2.17 -13.76
C THR A 475 -5.78 1.44 -14.40
N PRO A 476 -6.19 1.84 -15.61
CA PRO A 476 -7.26 1.12 -16.33
C PRO A 476 -6.78 0.00 -17.23
N GLY A 477 -5.48 -0.26 -17.30
CA GLY A 477 -4.91 -1.28 -18.16
C GLY A 477 -4.43 -0.70 -19.48
N GLN A 478 -3.54 -1.44 -20.13
CA GLN A 478 -3.00 -1.01 -21.42
C GLN A 478 -4.01 -1.30 -22.54
N ILE A 479 -4.40 -0.27 -23.26
CA ILE A 479 -5.45 -0.36 -24.27
C ILE A 479 -4.84 0.04 -25.61
N GLU A 480 -4.69 -0.92 -26.50
CA GLU A 480 -3.95 -0.67 -27.73
C GLU A 480 -4.92 -0.48 -28.91
N PRO A 481 -4.48 0.18 -29.98
CA PRO A 481 -5.39 0.49 -31.10
C PRO A 481 -5.91 -0.75 -31.82
N LEU A 482 -7.19 -0.69 -32.17
CA LEU A 482 -7.87 -1.73 -32.92
C LEU A 482 -8.35 -1.08 -34.21
N THR A 483 -7.62 -1.31 -35.29
CA THR A 483 -8.01 -0.73 -36.57
C THR A 483 -8.01 -1.83 -37.61
N ASN A 484 -6.82 -2.31 -37.99
CA ASN A 484 -6.73 -3.36 -39.00
C ASN A 484 -5.92 -4.56 -38.49
N ASN A 485 -5.97 -4.83 -37.17
CA ASN A 485 -5.27 -5.96 -36.57
C ASN A 485 -6.28 -6.99 -36.09
N PRO A 486 -6.94 -7.71 -37.00
CA PRO A 486 -8.01 -8.60 -36.55
C PRO A 486 -7.51 -9.71 -35.65
N GLY A 487 -6.24 -10.12 -35.79
CA GLY A 487 -5.68 -11.10 -34.86
C GLY A 487 -5.70 -10.62 -33.42
N ASN A 488 -5.34 -9.35 -33.20
CA ASN A 488 -5.46 -8.76 -31.88
C ASN A 488 -6.91 -8.67 -31.44
N TYR A 489 -7.80 -8.36 -32.37
CA TYR A 489 -9.21 -8.22 -32.05
C TYR A 489 -9.79 -9.55 -31.55
N LEU A 490 -9.54 -10.65 -32.27
CA LEU A 490 -10.00 -11.95 -31.80
C LEU A 490 -9.41 -12.27 -30.44
N ASP A 491 -8.15 -11.86 -30.22
CA ASP A 491 -7.49 -12.11 -28.94
C ASP A 491 -8.17 -11.36 -27.81
N LEU A 492 -8.60 -10.12 -28.06
CA LEU A 492 -9.31 -9.37 -27.04
C LEU A 492 -10.57 -10.11 -26.58
N ALA A 493 -11.22 -10.85 -27.48
CA ALA A 493 -12.40 -11.62 -27.11
C ALA A 493 -12.09 -12.76 -26.13
N ILE A 494 -10.82 -13.15 -25.96
CA ILE A 494 -10.45 -14.19 -25.01
C ILE A 494 -9.43 -13.67 -23.98
N GLY A 495 -9.38 -12.36 -23.77
CA GLY A 495 -8.57 -11.83 -22.68
C GLY A 495 -7.09 -11.76 -22.95
N GLN A 496 -6.68 -11.69 -24.20
CA GLN A 496 -5.27 -11.84 -24.55
C GLN A 496 -4.78 -10.70 -25.41
N TYR A 497 -5.30 -9.51 -25.17
CA TYR A 497 -4.81 -8.31 -25.84
C TYR A 497 -4.67 -7.20 -24.80
N ASP A 498 -5.71 -6.39 -24.60
CA ASP A 498 -5.68 -5.45 -23.50
C ASP A 498 -5.40 -6.17 -22.18
N THR A 499 -4.74 -5.49 -21.27
CA THR A 499 -4.44 -6.02 -19.95
C THR A 499 -5.34 -5.38 -18.91
N TYR A 500 -5.40 -6.01 -17.74
CA TYR A 500 -6.34 -5.60 -16.70
C TYR A 500 -5.73 -5.78 -15.32
N THR A 501 -6.28 -4.96 -14.30
CA THR A 501 -5.90 -5.08 -12.90
C THR A 501 -6.77 -6.11 -12.20
N PRO A 502 -6.24 -6.75 -11.14
CA PRO A 502 -7.08 -7.67 -10.36
C PRO A 502 -8.34 -7.01 -9.81
N LEU A 503 -8.29 -5.72 -9.48
CA LEU A 503 -9.51 -5.03 -9.04
C LEU A 503 -10.54 -4.99 -10.17
N GLN A 504 -10.09 -4.78 -11.41
CA GLN A 504 -11.02 -4.81 -12.52
C GLN A 504 -11.67 -6.17 -12.64
N LEU A 505 -10.86 -7.23 -12.60
CA LEU A 505 -11.41 -8.58 -12.62
C LEU A 505 -12.46 -8.73 -11.56
N SER A 506 -12.17 -8.18 -10.38
CA SER A 506 -13.04 -8.31 -9.22
C SER A 506 -14.32 -7.50 -9.40
N GLN A 507 -14.21 -6.26 -9.89
CA GLN A 507 -15.41 -5.48 -10.19
C GLN A 507 -16.27 -6.22 -11.19
N TYR A 508 -15.63 -6.79 -12.22
CA TYR A 508 -16.36 -7.50 -13.26
C TYR A 508 -17.13 -8.69 -12.70
N VAL A 509 -16.46 -9.58 -11.95
CA VAL A 509 -17.20 -10.74 -11.43
C VAL A 509 -18.26 -10.31 -10.42
N SER A 510 -18.02 -9.20 -9.70
CA SER A 510 -19.03 -8.70 -8.80
C SER A 510 -20.25 -8.20 -9.57
N THR A 511 -20.05 -7.64 -10.78
CA THR A 511 -21.18 -7.20 -11.59
C THR A 511 -22.01 -8.39 -12.03
N ILE A 512 -21.37 -9.51 -12.39
CA ILE A 512 -22.10 -10.73 -12.65
C ILE A 512 -22.85 -11.21 -11.40
N ALA A 513 -22.15 -11.25 -10.27
CA ALA A 513 -22.73 -11.81 -9.04
C ALA A 513 -23.96 -11.02 -8.57
N ASN A 514 -24.02 -9.72 -8.81
CA ASN A 514 -25.11 -8.91 -8.27
C ASN A 514 -26.12 -8.50 -9.35
N ASP A 515 -26.18 -9.26 -10.43
CA ASP A 515 -27.23 -9.17 -11.44
C ASP A 515 -27.05 -7.93 -12.32
N GLY A 516 -25.82 -7.53 -12.59
CA GLY A 516 -25.54 -6.57 -13.63
C GLY A 516 -25.27 -5.15 -13.18
N TYR A 517 -25.07 -4.93 -11.87
CA TYR A 517 -24.80 -3.60 -11.33
C TYR A 517 -23.30 -3.48 -11.09
N ARG A 518 -22.67 -2.57 -11.82
CA ARG A 518 -21.25 -2.36 -11.70
C ARG A 518 -21.01 -1.31 -10.63
N ILE A 519 -20.50 -1.71 -9.47
CA ILE A 519 -20.35 -0.83 -8.33
C ILE A 519 -18.90 -0.40 -8.16
N GLN A 520 -18.71 0.84 -7.82
CA GLN A 520 -17.42 1.40 -7.47
C GLN A 520 -16.83 0.67 -6.27
N PRO A 521 -15.65 0.03 -6.38
CA PRO A 521 -15.04 -0.52 -5.17
C PRO A 521 -14.59 0.61 -4.26
N HIS A 522 -14.65 0.36 -2.95
CA HIS A 522 -14.19 1.35 -1.99
C HIS A 522 -13.54 0.66 -0.81
N ILE A 523 -12.51 1.29 -0.24
CA ILE A 523 -11.93 0.75 0.98
C ILE A 523 -12.36 1.60 2.17
N GLY A 524 -12.61 2.89 1.95
CA GLY A 524 -13.23 3.70 2.99
C GLY A 524 -14.69 3.28 3.19
N LEU A 525 -15.10 3.22 4.45
CA LEU A 525 -16.47 2.82 4.78
C LEU A 525 -17.26 3.92 5.49
N SER A 526 -16.66 4.61 6.47
CA SER A 526 -17.37 5.70 7.11
C SER A 526 -16.39 6.66 7.79
N ILE A 527 -16.91 7.84 8.10
CA ILE A 527 -16.14 8.91 8.72
C ILE A 527 -16.85 9.32 10.02
N TYR A 528 -16.08 9.42 11.11
CA TYR A 528 -16.62 9.67 12.44
C TYR A 528 -16.24 11.07 12.92
N GLU A 529 -17.22 11.78 13.49
CA GLU A 529 -16.96 13.10 14.05
C GLU A 529 -16.24 12.95 15.39
N SER A 530 -15.04 12.39 15.32
CA SER A 530 -14.26 12.12 16.52
C SER A 530 -13.90 13.42 17.22
N THR A 531 -14.16 13.46 18.51
CA THR A 531 -13.81 14.59 19.36
C THR A 531 -12.89 14.17 20.49
N ASN A 532 -13.10 12.98 21.05
CA ASN A 532 -12.44 12.57 22.27
C ASN A 532 -11.46 11.43 22.02
N LYS A 533 -10.40 11.44 22.81
CA LYS A 533 -9.34 10.47 22.72
C LYS A 533 -9.86 9.04 22.89
N ASP A 534 -9.57 8.20 21.90
CA ASP A 534 -9.87 6.76 21.91
C ASP A 534 -11.36 6.45 21.94
N GLU A 535 -12.22 7.36 21.49
CA GLU A 535 -13.65 7.11 21.43
C GLU A 535 -14.11 7.52 20.04
N THR A 536 -14.91 6.66 19.39
CA THR A 536 -15.25 6.92 17.99
C THR A 536 -16.06 8.20 17.84
N GLY A 537 -17.04 8.40 18.71
CA GLY A 537 -17.94 9.52 18.58
C GLY A 537 -18.92 9.23 17.47
N PRO A 538 -19.85 10.15 17.23
CA PRO A 538 -20.95 9.87 16.30
C PRO A 538 -20.48 9.73 14.85
N LEU A 539 -21.34 9.10 14.06
CA LEU A 539 -21.07 8.90 12.64
C LEU A 539 -21.27 10.21 11.88
N LYS A 540 -20.27 10.62 11.12
CA LYS A 540 -20.35 11.83 10.31
C LYS A 540 -20.99 11.54 8.95
N ARG A 541 -20.32 10.73 8.14
CA ARG A 541 -20.66 10.50 6.74
C ARG A 541 -20.37 9.04 6.44
N LYS A 542 -21.15 8.47 5.53
CA LYS A 542 -20.83 7.15 5.00
C LYS A 542 -20.09 7.29 3.68
N ILE A 543 -19.28 6.28 3.38
CA ILE A 543 -18.58 6.23 2.11
C ILE A 543 -19.21 5.09 1.32
N LYS A 544 -19.95 5.44 0.28
CA LYS A 544 -20.77 4.50 -0.47
C LYS A 544 -20.03 4.01 -1.70
N GLY A 545 -20.19 2.71 -2.00
CA GLY A 545 -19.90 2.22 -3.32
C GLY A 545 -21.02 2.61 -4.27
N ASN A 546 -20.80 3.62 -5.09
CA ASN A 546 -21.86 4.05 -5.99
C ASN A 546 -21.97 3.10 -7.18
N VAL A 547 -23.20 2.95 -7.67
CA VAL A 547 -23.49 2.25 -8.91
C VAL A 547 -22.97 3.06 -10.09
N LEU A 548 -21.99 2.51 -10.80
CA LEU A 548 -21.47 3.22 -11.96
C LEU A 548 -22.43 3.12 -13.15
N ASN A 549 -23.12 1.99 -13.31
CA ASN A 549 -23.97 1.68 -14.45
C ASN A 549 -24.53 0.28 -14.27
N LYS A 550 -25.62 0.00 -14.97
CA LYS A 550 -26.15 -1.34 -15.13
C LYS A 550 -25.75 -1.84 -16.52
N VAL A 551 -25.47 -3.15 -16.60
CA VAL A 551 -25.08 -3.69 -17.89
C VAL A 551 -26.26 -3.60 -18.83
N ASN A 552 -25.96 -3.39 -20.10
CA ASN A 552 -26.98 -3.24 -21.12
C ASN A 552 -27.39 -4.62 -21.65
N ASN A 553 -27.96 -5.42 -20.76
CA ASN A 553 -28.27 -6.81 -21.04
C ASN A 553 -29.53 -7.18 -20.28
N SER A 554 -30.26 -8.16 -20.80
CA SER A 554 -31.50 -8.56 -20.17
C SER A 554 -31.24 -9.47 -18.97
N ASN A 555 -32.30 -9.79 -18.25
CA ASN A 555 -32.16 -10.71 -17.14
C ASN A 555 -31.82 -12.13 -17.62
N ASP A 556 -32.45 -12.58 -18.72
CA ASP A 556 -32.06 -13.87 -19.29
C ASP A 556 -30.59 -13.87 -19.70
N GLU A 557 -30.10 -12.73 -20.21
CA GLU A 557 -28.71 -12.70 -20.66
C GLU A 557 -27.76 -12.82 -19.48
N ILE A 558 -28.04 -12.08 -18.38
CA ILE A 558 -27.17 -12.17 -17.20
C ILE A 558 -27.24 -13.56 -16.57
N LYS A 559 -28.44 -14.13 -16.50
CA LYS A 559 -28.57 -15.43 -15.86
C LYS A 559 -27.86 -16.51 -16.66
N GLU A 560 -27.71 -16.31 -17.97
CA GLU A 560 -27.00 -17.30 -18.78
C GLU A 560 -25.49 -17.28 -18.45
N VAL A 561 -24.91 -16.09 -18.27
CA VAL A 561 -23.51 -16.05 -17.84
C VAL A 561 -23.38 -16.62 -16.44
N GLN A 562 -24.29 -16.24 -15.54
CA GLN A 562 -24.26 -16.84 -14.20
C GLN A 562 -24.35 -18.36 -14.26
N GLU A 563 -25.17 -18.90 -15.16
CA GLU A 563 -25.30 -20.35 -15.23
C GLU A 563 -24.00 -20.97 -15.73
N GLY A 564 -23.40 -20.38 -16.76
CA GLY A 564 -22.12 -20.88 -17.23
C GLY A 564 -21.05 -20.84 -16.15
N PHE A 565 -21.02 -19.75 -15.36
CA PHE A 565 -20.06 -19.63 -14.25
C PHE A 565 -20.27 -20.73 -13.21
N LYS A 566 -21.53 -21.05 -12.89
CA LYS A 566 -21.80 -22.14 -11.95
C LYS A 566 -21.34 -23.47 -12.55
N MET A 567 -21.54 -23.63 -13.86
CA MET A 567 -21.12 -24.87 -14.50
C MET A 567 -19.60 -25.02 -14.49
N ALA A 568 -18.85 -23.92 -14.58
CA ALA A 568 -17.38 -24.02 -14.60
C ALA A 568 -16.86 -24.55 -13.28
N PHE A 569 -17.52 -24.20 -12.18
CA PHE A 569 -17.09 -24.56 -10.85
C PHE A 569 -17.71 -25.86 -10.37
N ASN A 570 -18.73 -26.40 -11.07
CA ASN A 570 -19.51 -27.49 -10.48
C ASN A 570 -19.78 -28.69 -11.40
N GLU A 571 -19.58 -28.58 -12.71
CA GLU A 571 -19.72 -29.72 -13.60
C GLU A 571 -18.38 -30.41 -13.80
N LYS A 572 -18.44 -31.74 -13.93
CA LYS A 572 -17.21 -32.52 -14.01
C LYS A 572 -16.22 -31.94 -15.03
N GLN A 573 -16.73 -31.29 -16.08
CA GLN A 573 -15.89 -30.74 -17.14
C GLN A 573 -15.59 -29.25 -17.01
N GLY A 574 -16.09 -28.59 -15.97
CA GLY A 574 -15.69 -27.19 -15.77
C GLY A 574 -14.22 -27.10 -15.42
N THR A 575 -13.56 -26.05 -15.91
CA THR A 575 -12.14 -25.85 -15.59
C THR A 575 -11.90 -25.63 -14.11
N GLY A 576 -12.94 -25.31 -13.32
CA GLY A 576 -12.81 -24.98 -11.92
C GLY A 576 -13.31 -26.07 -11.01
N TYR A 577 -13.74 -27.18 -11.62
CA TYR A 577 -14.31 -28.30 -10.87
C TYR A 577 -13.39 -28.71 -9.72
N ALA A 578 -12.09 -28.84 -10.01
CA ALA A 578 -11.16 -29.41 -9.03
C ALA A 578 -11.06 -28.55 -7.79
N SER A 579 -11.06 -27.22 -7.94
CA SER A 579 -10.90 -26.34 -6.80
C SER A 579 -12.21 -25.93 -6.14
N PHE A 580 -13.32 -25.88 -6.84
CA PHE A 580 -14.48 -25.20 -6.29
C PHE A 580 -15.72 -26.06 -6.10
N ARG A 581 -15.74 -27.31 -6.59
CA ARG A 581 -16.95 -28.12 -6.48
C ARG A 581 -17.35 -28.43 -5.05
N ASN A 582 -16.45 -28.33 -4.08
CA ASN A 582 -16.73 -28.73 -2.70
C ASN A 582 -16.70 -27.58 -1.72
N THR A 583 -16.85 -26.35 -2.19
CA THR A 583 -16.83 -25.22 -1.29
C THR A 583 -17.94 -25.37 -0.24
N VAL A 584 -17.68 -24.87 0.98
CA VAL A 584 -18.64 -24.98 2.08
C VAL A 584 -20.02 -24.43 1.71
N VAL A 585 -20.08 -23.47 0.81
CA VAL A 585 -21.34 -23.08 0.18
C VAL A 585 -21.13 -23.13 -1.32
N PRO A 586 -22.21 -23.26 -2.11
CA PRO A 586 -22.05 -23.35 -3.57
C PRO A 586 -21.38 -22.08 -4.09
N SER A 587 -20.43 -22.25 -5.00
CA SER A 587 -19.77 -21.10 -5.60
C SER A 587 -19.73 -21.24 -7.12
N ALA A 588 -19.35 -20.14 -7.78
CA ALA A 588 -19.43 -20.00 -9.23
C ALA A 588 -18.37 -19.00 -9.68
N GLY A 589 -17.87 -19.18 -10.89
CA GLY A 589 -16.89 -18.22 -11.37
C GLY A 589 -16.30 -18.68 -12.68
N LYS A 590 -15.12 -18.17 -12.97
CA LYS A 590 -14.48 -18.45 -14.24
C LYS A 590 -12.98 -18.46 -14.03
N THR A 591 -12.28 -19.36 -14.72
CA THR A 591 -10.83 -19.40 -14.74
C THR A 591 -10.32 -18.74 -16.01
N GLY A 592 -9.05 -18.39 -15.99
CA GLY A 592 -8.36 -17.88 -17.15
C GLY A 592 -6.89 -18.27 -17.13
N THR A 593 -6.37 -18.61 -18.30
CA THR A 593 -4.98 -18.96 -18.54
C THR A 593 -4.55 -18.21 -19.79
N ALA A 594 -3.37 -17.56 -19.74
CA ALA A 594 -2.88 -16.80 -20.88
C ALA A 594 -1.41 -17.10 -21.08
N GLU A 595 -1.03 -17.41 -22.31
CA GLU A 595 0.34 -17.77 -22.63
C GLU A 595 1.17 -16.49 -22.72
N VAL A 596 2.22 -16.40 -21.91
CA VAL A 596 3.10 -15.24 -21.89
C VAL A 596 4.54 -15.73 -22.01
N PHE A 597 5.46 -14.79 -22.01
CA PHE A 597 6.87 -15.13 -22.06
C PHE A 597 7.64 -14.27 -21.09
N GLN A 598 8.70 -14.85 -20.55
CA GLN A 598 9.58 -14.17 -19.62
C GLN A 598 10.99 -14.62 -19.94
N ASP A 599 11.85 -13.66 -20.35
CA ASP A 599 13.23 -13.95 -20.73
C ASP A 599 13.21 -14.99 -21.85
N GLY A 600 12.23 -14.81 -22.74
CA GLY A 600 12.01 -15.72 -23.82
C GLY A 600 11.87 -17.17 -23.42
N GLU A 601 11.29 -17.45 -22.26
CA GLU A 601 10.85 -18.77 -21.86
C GLU A 601 9.32 -18.82 -21.75
N PRO A 602 8.68 -19.94 -22.10
CA PRO A 602 7.21 -19.98 -22.09
C PRO A 602 6.66 -20.04 -20.67
N ARG A 603 5.56 -19.32 -20.46
CA ARG A 603 4.91 -19.22 -19.16
C ARG A 603 3.42 -19.08 -19.37
N VAL A 604 2.66 -19.14 -18.28
CA VAL A 604 1.26 -18.72 -18.29
C VAL A 604 1.02 -17.80 -17.11
N ASN A 605 0.04 -16.91 -17.27
CA ASN A 605 -0.68 -16.28 -16.18
C ASN A 605 -1.91 -17.15 -15.89
N SER A 606 -2.28 -17.25 -14.62
CA SER A 606 -3.50 -17.95 -14.22
C SER A 606 -4.36 -16.98 -13.44
N THR A 607 -5.61 -16.81 -13.85
CA THR A 607 -6.50 -15.96 -13.10
C THR A 607 -7.72 -16.74 -12.65
N TYR A 608 -8.42 -16.16 -11.67
CA TYR A 608 -9.60 -16.77 -11.08
C TYR A 608 -10.52 -15.64 -10.64
N ILE A 609 -11.82 -15.79 -10.93
CA ILE A 609 -12.83 -14.91 -10.36
C ILE A 609 -13.99 -15.77 -9.89
N GLY A 610 -14.69 -15.32 -8.87
CA GLY A 610 -15.82 -16.11 -8.44
C GLY A 610 -16.58 -15.40 -7.35
N TYR A 611 -17.70 -16.02 -6.95
CA TYR A 611 -18.54 -15.46 -5.91
C TYR A 611 -19.28 -16.59 -5.21
N ALA A 612 -19.80 -16.26 -4.02
CA ALA A 612 -20.41 -17.29 -3.20
C ALA A 612 -21.29 -16.60 -2.18
N PRO A 613 -22.40 -17.18 -1.81
CA PRO A 613 -22.98 -18.39 -2.39
C PRO A 613 -23.66 -18.02 -3.69
N VAL A 614 -23.79 -18.99 -4.61
CA VAL A 614 -24.44 -18.77 -5.90
C VAL A 614 -25.79 -18.09 -5.74
N ASP A 615 -26.57 -18.50 -4.74
CA ASP A 615 -27.97 -18.10 -4.69
C ASP A 615 -28.14 -16.63 -4.32
N ASP A 616 -27.32 -16.13 -3.40
CA ASP A 616 -27.45 -14.74 -2.94
C ASP A 616 -26.07 -14.25 -2.58
N PRO A 617 -25.26 -13.88 -3.58
CA PRO A 617 -23.82 -13.73 -3.36
C PRO A 617 -23.51 -12.65 -2.35
N LYS A 618 -22.63 -12.99 -1.41
CA LYS A 618 -22.20 -12.11 -0.35
C LYS A 618 -20.70 -11.90 -0.38
N LEU A 619 -19.96 -12.66 -1.19
CA LEU A 619 -18.52 -12.53 -1.29
C LEU A 619 -18.09 -12.81 -2.73
N SER A 620 -17.16 -12.00 -3.24
CA SER A 620 -16.60 -12.18 -4.57
C SER A 620 -15.10 -11.95 -4.50
N PHE A 621 -14.37 -12.48 -5.49
CA PHE A 621 -12.91 -12.43 -5.41
C PHE A 621 -12.33 -12.48 -6.81
N SER A 622 -11.07 -12.05 -6.91
CA SER A 622 -10.24 -12.31 -8.07
C SER A 622 -8.87 -12.73 -7.58
N ILE A 623 -8.16 -13.50 -8.38
CA ILE A 623 -6.83 -13.99 -8.04
C ILE A 623 -6.01 -13.94 -9.31
N VAL A 624 -4.75 -13.51 -9.20
CA VAL A 624 -3.85 -13.44 -10.34
C VAL A 624 -2.49 -14.02 -9.95
N TYR A 625 -2.04 -15.04 -10.67
CA TYR A 625 -0.67 -15.50 -10.58
C TYR A 625 -0.03 -15.23 -11.94
N THR A 626 1.22 -14.76 -11.95
CA THR A 626 1.92 -14.52 -13.21
C THR A 626 3.16 -15.38 -13.37
N ASN A 627 3.36 -15.87 -14.59
CA ASN A 627 4.54 -16.63 -14.98
C ASN A 627 4.67 -17.95 -14.21
N GLN A 628 3.57 -18.69 -14.20
CA GLN A 628 3.60 -20.10 -13.85
C GLN A 628 4.16 -20.91 -15.01
N PRO A 629 4.52 -22.16 -14.78
CA PRO A 629 4.96 -23.01 -15.90
C PRO A 629 3.82 -23.21 -16.88
N VAL A 630 4.17 -23.40 -18.15
CA VAL A 630 3.12 -23.79 -19.10
C VAL A 630 2.58 -25.16 -18.70
N PRO A 631 1.28 -25.33 -18.56
CA PRO A 631 0.76 -26.55 -17.98
C PRO A 631 0.55 -27.63 -19.02
N PRO A 632 1.33 -28.69 -18.98
CA PRO A 632 0.75 -30.03 -18.98
C PRO A 632 0.41 -30.48 -17.57
N PRO A 633 1.22 -30.11 -16.51
CA PRO A 633 0.69 -30.29 -15.14
C PRO A 633 -0.12 -29.08 -14.70
N TRP A 634 -1.44 -29.24 -14.53
CA TRP A 634 -2.34 -28.13 -14.22
C TRP A 634 -2.33 -27.88 -12.73
N LEU A 635 -1.77 -26.76 -12.30
CA LEU A 635 -1.73 -26.41 -10.88
C LEU A 635 -3.05 -25.78 -10.45
N ASN A 636 -3.43 -26.02 -9.21
CA ASN A 636 -4.75 -25.60 -8.73
C ASN A 636 -4.64 -24.39 -7.82
N GLY A 637 -4.02 -23.33 -8.36
CA GLY A 637 -3.95 -22.08 -7.62
C GLY A 637 -5.31 -21.52 -7.25
N GLY A 638 -6.35 -21.91 -7.96
CA GLY A 638 -7.69 -21.63 -7.48
C GLY A 638 -7.99 -22.12 -6.07
N ASP A 639 -7.22 -23.10 -5.56
CA ASP A 639 -7.43 -23.55 -4.17
C ASP A 639 -7.43 -22.38 -3.20
N LEU A 640 -6.65 -21.34 -3.48
CA LEU A 640 -6.66 -20.17 -2.61
C LEU A 640 -8.05 -19.57 -2.52
N GLY A 641 -8.79 -19.57 -3.63
CA GLY A 641 -10.16 -19.11 -3.59
C GLY A 641 -11.09 -20.08 -2.86
N ARG A 642 -10.91 -21.38 -3.09
CA ARG A 642 -11.70 -22.34 -2.34
C ARG A 642 -11.51 -22.15 -0.83
N ASP A 643 -10.27 -21.84 -0.42
CA ASP A 643 -9.99 -21.74 1.01
C ASP A 643 -10.53 -20.45 1.61
N VAL A 644 -10.45 -19.34 0.87
CA VAL A 644 -11.02 -18.10 1.37
C VAL A 644 -12.54 -18.24 1.49
N ILE A 645 -13.19 -18.83 0.50
CA ILE A 645 -14.63 -19.08 0.62
C ILE A 645 -14.93 -19.92 1.85
N ASN A 646 -14.21 -21.05 2.03
CA ASN A 646 -14.50 -21.95 3.14
C ASN A 646 -14.30 -21.26 4.49
N TYR A 647 -13.24 -20.45 4.61
CA TYR A 647 -13.01 -19.73 5.85
C TYR A 647 -14.12 -18.71 6.14
N TYR A 648 -14.54 -17.97 5.11
CA TYR A 648 -15.45 -16.86 5.34
C TYR A 648 -16.85 -17.33 5.69
N PHE A 649 -17.24 -18.53 5.25
CA PHE A 649 -18.54 -19.11 5.57
C PHE A 649 -18.41 -20.28 6.56
N LYS A 650 -17.35 -20.28 7.37
CA LYS A 650 -17.12 -21.29 8.41
C LYS A 650 -18.38 -21.56 9.23
N ASP A 651 -19.00 -20.50 9.75
CA ASP A 651 -20.15 -20.64 10.63
C ASP A 651 -21.45 -20.52 9.83
#